data_4U4X
#
_entry.id   4U4X
#
_cell.length_a   98.290
_cell.length_b   121.569
_cell.length_c   47.360
_cell.angle_alpha   90.000
_cell.angle_beta   90.000
_cell.angle_gamma   90.000
#
_symmetry.space_group_name_H-M   'P 21 21 2'
#
loop_
_entity.id
_entity.type
_entity.pdbx_description
1 polymer 'Glutamate receptor 2,Glutamate receptor 2'
2 non-polymer '4-ethyl-3,4-dihydro-2H-pyrido[3,2-e][1,2,4]thiadiazine 1,1-dioxide'
3 non-polymer 'SULFATE ION'
4 non-polymer 'GLUTAMIC ACID'
5 non-polymer 'ACETATE ION'
6 non-polymer GLYCEROL
7 non-polymer DI(HYDROXYETHYL)ETHER
8 water water
#
_entity_poly.entity_id   1
_entity_poly.type   'polypeptide(L)'
_entity_poly.pdbx_seq_one_letter_code
;GANKTVVVTTILESPYVMMKKNHEMLEGNERYEGYCVDLAAEIAKHCGFKYKLTIVGDGKYGARDADTKIWNGMVGELVY
GKADIAIAPLTITYVREEVIDFSKPFMSLGISIMIKKGTPIESAEDLSKQTEIAYGTLDSGSTKEFFRRSKIAVFDKMWT
YMRSAEPSVFVRTTAEGVARVRKSKGKYAYLLESTMNEYIEQRKPCDTMKVGGNLDSKGYGIATPKGSSLGNAVNLAVLK
LSEQGLLDKLKNKWWYDKGECGS
;
_entity_poly.pdbx_strand_id   A,B
#
loop_
_chem_comp.id
_chem_comp.type
_chem_comp.name
_chem_comp.formula
3C2 non-polymer '4-ethyl-3,4-dihydro-2H-pyrido[3,2-e][1,2,4]thiadiazine 1,1-dioxide' 'C8 H11 N3 O2 S'
ACT non-polymer 'ACETATE ION' 'C2 H3 O2 -1'
GOL non-polymer GLYCEROL 'C3 H8 O3'
PEG non-polymer DI(HYDROXYETHYL)ETHER 'C4 H10 O3'
SO4 non-polymer 'SULFATE ION' 'O4 S -2'
#
# COMPACT_ATOMS: atom_id res chain seq x y z
N GLY A 1 19.91 27.83 -8.08
CA GLY A 1 20.22 29.04 -7.27
C GLY A 1 20.07 28.75 -5.80
N ALA A 2 19.90 29.82 -5.02
CA ALA A 2 19.78 29.72 -3.57
C ALA A 2 18.56 28.92 -3.16
N ASN A 3 18.65 28.32 -1.98
CA ASN A 3 17.50 27.65 -1.39
C ASN A 3 16.34 28.62 -1.25
N LYS A 4 15.16 28.09 -1.57
CA LYS A 4 13.91 28.81 -1.55
C LYS A 4 12.94 28.01 -0.68
N THR A 5 12.10 28.72 0.05
CA THR A 5 11.06 28.10 0.82
C THR A 5 10.14 27.32 -0.14
N VAL A 6 9.93 26.05 0.20
CA VAL A 6 9.09 25.16 -0.56
C VAL A 6 7.63 25.42 -0.22
N VAL A 7 6.81 25.65 -1.25
CA VAL A 7 5.38 25.84 -1.06
C VAL A 7 4.66 24.49 -1.06
N VAL A 8 4.07 24.17 0.07
CA VAL A 8 3.35 22.93 0.27
C VAL A 8 1.87 23.18 0.18
N THR A 9 1.21 22.56 -0.79
CA THR A 9 -0.24 22.57 -0.81
C THR A 9 -0.78 21.40 0.02
N THR A 10 -1.83 21.68 0.77
CA THR A 10 -2.49 20.68 1.58
C THR A 10 -3.95 21.09 1.75
N ILE A 11 -4.70 20.34 2.53
CA ILE A 11 -6.15 20.50 2.58
C ILE A 11 -6.59 20.33 4.03
N LEU A 12 -7.58 21.12 4.45
CA LEU A 12 -8.13 21.01 5.80
C LEU A 12 -9.07 19.81 5.86
N GLU A 13 -8.49 18.70 6.29
CA GLU A 13 -9.13 17.40 6.34
CA GLU A 13 -9.17 17.43 6.38
C GLU A 13 -8.64 16.75 7.63
N SER A 14 -9.54 16.49 8.57
CA SER A 14 -9.14 15.92 9.84
C SER A 14 -8.90 14.42 9.67
N PRO A 15 -7.85 13.88 10.35
CA PRO A 15 -6.89 14.48 11.27
C PRO A 15 -5.58 14.84 10.57
N TYR A 16 -5.61 14.97 9.25
CA TYR A 16 -4.40 15.21 8.49
C TYR A 16 -3.91 16.63 8.68
N VAL A 17 -4.80 17.61 8.55
CA VAL A 17 -4.50 19.01 8.79
C VAL A 17 -5.73 19.62 9.43
N MET A 18 -5.52 20.23 10.60
CA MET A 18 -6.57 20.82 11.40
C MET A 18 -6.12 22.15 11.96
N MET A 19 -7.05 23.05 12.18
CA MET A 19 -6.74 24.31 12.86
C MET A 19 -6.46 24.02 14.34
N LYS A 20 -5.32 24.49 14.83
CA LYS A 20 -5.00 24.38 16.25
C LYS A 20 -5.97 25.21 17.07
N LYS A 21 -6.18 24.80 18.32
CA LYS A 21 -6.70 25.72 19.32
C LYS A 21 -5.75 26.92 19.39
N ASN A 22 -6.34 28.09 19.44
CA ASN A 22 -5.63 29.37 19.46
C ASN A 22 -5.00 29.73 18.13
N HIS A 23 -5.41 29.06 17.04
CA HIS A 23 -4.93 29.43 15.70
C HIS A 23 -5.12 30.92 15.42
N GLU A 24 -6.14 31.55 16.02
CA GLU A 24 -6.44 32.96 15.71
C GLU A 24 -5.28 33.90 16.05
N MET A 25 -4.40 33.47 16.94
CA MET A 25 -3.25 34.28 17.34
C MET A 25 -1.93 33.72 16.90
N LEU A 26 -1.98 32.68 16.08
CA LEU A 26 -0.80 32.04 15.52
C LEU A 26 -0.63 32.42 14.06
N GLU A 27 0.59 32.25 13.55
CA GLU A 27 0.90 32.58 12.16
C GLU A 27 1.65 31.44 11.49
N GLY A 28 1.57 31.44 10.17
CA GLY A 28 2.31 30.49 9.37
C GLY A 28 2.01 29.06 9.73
N ASN A 29 3.02 28.21 9.71
CA ASN A 29 2.81 26.79 9.89
C ASN A 29 2.24 26.45 11.28
N GLU A 30 2.46 27.35 12.25
CA GLU A 30 2.03 27.13 13.62
C GLU A 30 0.53 27.09 13.78
N ARG A 31 -0.20 27.54 12.76
CA ARG A 31 -1.66 27.53 12.83
C ARG A 31 -2.25 26.12 12.77
N TYR A 32 -1.49 25.16 12.28
CA TYR A 32 -2.03 23.86 11.92
C TYR A 32 -1.41 22.74 12.72
N GLU A 33 -2.19 21.67 12.86
CA GLU A 33 -1.68 20.43 13.44
C GLU A 33 -2.30 19.26 12.72
N GLY A 34 -1.68 18.09 12.87
CA GLY A 34 -2.24 16.86 12.36
C GLY A 34 -1.19 15.95 11.75
N TYR A 35 -1.67 14.86 11.21
CA TYR A 35 -0.80 13.81 10.65
C TYR A 35 0.09 14.35 9.56
N CYS A 36 -0.50 15.12 8.62
CA CYS A 36 0.29 15.63 7.49
C CYS A 36 1.15 16.81 7.90
N VAL A 37 0.78 17.52 8.97
CA VAL A 37 1.64 18.58 9.48
C VAL A 37 2.91 17.92 10.06
N ASP A 38 2.72 16.86 10.84
CA ASP A 38 3.85 16.13 11.38
C ASP A 38 4.69 15.49 10.25
N LEU A 39 4.02 14.94 9.27
CA LEU A 39 4.72 14.29 8.17
C LEU A 39 5.54 15.30 7.37
N ALA A 40 4.97 16.47 7.12
CA ALA A 40 5.68 17.54 6.41
C ALA A 40 6.97 17.87 7.15
N ALA A 41 6.90 17.99 8.47
CA ALA A 41 8.07 18.35 9.23
C ALA A 41 9.15 17.27 9.10
N GLU A 42 8.74 15.99 9.13
CA GLU A 42 9.69 14.92 9.02
C GLU A 42 10.33 14.87 7.65
N ILE A 43 9.53 15.04 6.60
CA ILE A 43 10.02 14.99 5.22
C ILE A 43 11.01 16.15 4.99
N ALA A 44 10.64 17.33 5.46
CA ALA A 44 11.47 18.51 5.30
C ALA A 44 12.80 18.33 6.02
N LYS A 45 12.77 17.73 7.19
CA LYS A 45 14.00 17.50 7.93
C LYS A 45 14.92 16.56 7.18
N HIS A 46 14.36 15.49 6.64
CA HIS A 46 15.16 14.49 5.96
C HIS A 46 15.71 15.00 4.64
N CYS A 47 14.95 15.84 3.96
CA CYS A 47 15.33 16.35 2.65
C CYS A 47 16.08 17.67 2.73
N GLY A 48 16.04 18.31 3.88
CA GLY A 48 16.75 19.56 4.10
C GLY A 48 16.17 20.76 3.35
N PHE A 49 14.87 20.98 3.50
CA PHE A 49 14.26 22.21 3.00
C PHE A 49 13.39 22.87 4.08
N LYS A 50 13.23 24.19 3.91
CA LYS A 50 12.25 24.99 4.64
C LYS A 50 10.99 25.04 3.80
N TYR A 51 9.84 25.21 4.45
CA TYR A 51 8.56 25.10 3.75
C TYR A 51 7.48 25.95 4.40
N LYS A 52 6.46 26.25 3.60
CA LYS A 52 5.27 26.96 4.02
C LYS A 52 4.03 26.17 3.64
N LEU A 53 3.24 25.79 4.63
CA LEU A 53 1.98 25.10 4.39
C LEU A 53 0.95 26.11 3.90
N THR A 54 0.26 25.73 2.83
CA THR A 54 -0.77 26.55 2.24
CA THR A 54 -0.77 26.56 2.21
C THR A 54 -1.99 25.72 1.91
N ILE A 55 -3.10 26.06 2.50
CA ILE A 55 -4.33 25.34 2.27
C ILE A 55 -4.86 25.64 0.89
N VAL A 56 -5.14 24.58 0.15
CA VAL A 56 -5.62 24.72 -1.23
C VAL A 56 -6.85 25.63 -1.29
N GLY A 57 -6.79 26.62 -2.18
CA GLY A 57 -7.78 27.66 -2.24
C GLY A 57 -9.20 27.20 -2.46
N ASP A 58 -9.40 26.23 -3.35
CA ASP A 58 -10.76 25.78 -3.66
C ASP A 58 -11.22 24.62 -2.79
N GLY A 59 -10.35 24.16 -1.89
CA GLY A 59 -10.70 23.14 -0.93
C GLY A 59 -10.95 21.77 -1.51
N LYS A 60 -10.41 21.53 -2.71
CA LYS A 60 -10.62 20.28 -3.44
C LYS A 60 -9.33 19.46 -3.58
N TYR A 61 -9.51 18.15 -3.75
CA TYR A 61 -8.39 17.25 -3.96
C TYR A 61 -7.83 17.39 -5.40
N GLY A 62 -8.69 17.18 -6.40
CA GLY A 62 -8.30 17.46 -7.77
C GLY A 62 -8.95 16.56 -8.80
N ALA A 63 -9.59 17.19 -9.77
CA ALA A 63 -10.26 16.57 -10.89
C ALA A 63 -10.03 17.47 -12.09
N ARG A 64 -10.10 16.86 -13.26
CA ARG A 64 -9.92 17.54 -14.53
C ARG A 64 -11.30 17.74 -15.13
N ASP A 65 -11.62 18.99 -15.44
CA ASP A 65 -12.87 19.32 -16.13
C ASP A 65 -12.89 18.66 -17.49
N ALA A 66 -13.93 17.88 -17.78
CA ALA A 66 -14.01 17.14 -19.02
C ALA A 66 -14.03 18.06 -20.24
N ASP A 67 -14.59 19.25 -20.06
CA ASP A 67 -14.72 20.22 -21.16
C ASP A 67 -13.48 21.06 -21.37
N THR A 68 -13.04 21.75 -20.32
CA THR A 68 -11.94 22.70 -20.40
C THR A 68 -10.57 22.03 -20.25
N LYS A 69 -10.57 20.85 -19.65
CA LYS A 69 -9.37 20.05 -19.36
C LYS A 69 -8.50 20.69 -18.28
N ILE A 70 -9.09 21.60 -17.52
CA ILE A 70 -8.36 22.27 -16.44
C ILE A 70 -8.48 21.51 -15.13
N TRP A 71 -7.33 21.34 -14.49
CA TRP A 71 -7.28 20.66 -13.22
C TRP A 71 -7.57 21.60 -12.09
N ASN A 72 -8.38 21.17 -11.14
CA ASN A 72 -8.60 21.95 -9.93
C ASN A 72 -7.90 21.32 -8.72
N GLY A 73 -8.15 21.87 -7.55
CA GLY A 73 -7.66 21.26 -6.33
C GLY A 73 -6.15 21.29 -6.18
N MET A 74 -5.67 20.46 -5.26
CA MET A 74 -4.23 20.33 -5.05
C MET A 74 -3.53 19.87 -6.31
N VAL A 75 -4.13 18.95 -7.06
CA VAL A 75 -3.50 18.55 -8.32
C VAL A 75 -3.25 19.76 -9.21
N GLY A 76 -4.27 20.60 -9.38
CA GLY A 76 -4.11 21.82 -10.15
C GLY A 76 -3.02 22.74 -9.64
N GLU A 77 -2.90 22.88 -8.33
CA GLU A 77 -1.86 23.73 -7.77
CA GLU A 77 -1.86 23.75 -7.79
C GLU A 77 -0.47 23.25 -8.22
N LEU A 78 -0.29 21.95 -8.31
CA LEU A 78 0.98 21.39 -8.77
C LEU A 78 1.12 21.57 -10.27
N VAL A 79 0.08 21.20 -11.03
CA VAL A 79 0.15 21.26 -12.48
C VAL A 79 0.46 22.68 -13.00
N TYR A 80 -0.13 23.70 -12.38
CA TYR A 80 0.00 25.08 -12.85
C TYR A 80 1.09 25.88 -12.11
N GLY A 81 1.85 25.17 -11.28
CA GLY A 81 3.05 25.76 -10.71
C GLY A 81 2.84 26.65 -9.52
N LYS A 82 1.69 26.52 -8.86
CA LYS A 82 1.37 27.34 -7.68
C LYS A 82 1.89 26.77 -6.37
N ALA A 83 2.24 25.49 -6.37
CA ALA A 83 2.86 24.82 -5.23
C ALA A 83 3.94 23.91 -5.73
N ASP A 84 4.90 23.62 -4.85
CA ASP A 84 6.04 22.77 -5.16
C ASP A 84 5.84 21.31 -4.81
N ILE A 85 4.91 21.04 -3.90
CA ILE A 85 4.74 19.70 -3.35
C ILE A 85 3.37 19.67 -2.68
N ALA A 86 2.70 18.52 -2.70
CA ALA A 86 1.48 18.31 -1.94
C ALA A 86 1.73 17.28 -0.88
N ILE A 87 1.41 17.62 0.36
CA ILE A 87 1.58 16.70 1.50
C ILE A 87 0.19 16.65 2.16
N ALA A 88 -0.55 15.61 1.80
CA ALA A 88 -1.98 15.54 2.04
C ALA A 88 -2.44 14.11 1.79
N PRO A 89 -3.69 13.77 2.15
CA PRO A 89 -4.26 12.45 1.82
C PRO A 89 -4.72 12.42 0.35
N LEU A 90 -3.75 12.54 -0.54
CA LEU A 90 -3.95 12.59 -1.98
C LEU A 90 -3.72 11.23 -2.59
N THR A 91 -4.78 10.67 -3.13
CA THR A 91 -4.75 9.32 -3.64
C THR A 91 -3.95 9.20 -4.97
N ILE A 92 -3.10 8.18 -5.02
CA ILE A 92 -2.38 7.79 -6.21
C ILE A 92 -3.37 7.19 -7.19
N THR A 93 -3.47 7.80 -8.36
CA THR A 93 -4.30 7.30 -9.45
C THR A 93 -3.61 7.39 -10.79
N TYR A 94 -4.10 6.59 -11.74
CA TYR A 94 -3.56 6.55 -13.09
C TYR A 94 -3.60 7.94 -13.77
N VAL A 95 -4.77 8.57 -13.72
CA VAL A 95 -4.89 9.82 -14.43
C VAL A 95 -4.04 10.91 -13.80
N ARG A 96 -3.88 10.88 -12.49
CA ARG A 96 -3.04 11.85 -11.84
C ARG A 96 -1.56 11.56 -12.13
N GLU A 97 -1.15 10.30 -12.13
CA GLU A 97 0.23 9.95 -12.46
C GLU A 97 0.65 10.36 -13.87
N GLU A 98 -0.31 10.53 -14.74
CA GLU A 98 -0.01 11.07 -16.07
C GLU A 98 0.44 12.52 -16.06
N VAL A 99 0.07 13.26 -15.02
CA VAL A 99 0.36 14.71 -14.99
C VAL A 99 1.20 15.20 -13.82
N ILE A 100 1.30 14.42 -12.74
CA ILE A 100 2.15 14.76 -11.61
C ILE A 100 2.89 13.49 -11.17
N ASP A 101 3.87 13.67 -10.31
CA ASP A 101 4.63 12.56 -9.73
C ASP A 101 4.17 12.28 -8.29
N PHE A 102 4.20 11.02 -7.88
CA PHE A 102 3.89 10.57 -6.55
C PHE A 102 5.03 9.76 -5.94
N SER A 103 5.31 9.99 -4.67
CA SER A 103 6.16 9.10 -3.91
C SER A 103 5.52 7.73 -3.77
N LYS A 104 6.29 6.75 -3.34
CA LYS A 104 5.69 5.54 -2.84
C LYS A 104 4.69 5.90 -1.75
N PRO A 105 3.66 5.06 -1.60
CA PRO A 105 2.58 5.44 -0.66
C PRO A 105 3.06 5.53 0.79
N PHE A 106 2.56 6.52 1.52
CA PHE A 106 2.82 6.64 2.95
C PHE A 106 1.67 6.14 3.82
N MET A 107 0.54 5.82 3.20
CA MET A 107 -0.65 5.31 3.90
C MET A 107 -1.47 4.55 2.89
N SER A 108 -1.99 3.42 3.33
CA SER A 108 -2.91 2.58 2.56
C SER A 108 -4.35 2.91 2.87
N LEU A 109 -5.20 2.74 1.85
CA LEU A 109 -6.62 2.93 2.05
C LEU A 109 -7.42 2.21 0.98
N GLY A 110 -8.72 2.08 1.24
CA GLY A 110 -9.64 1.63 0.24
C GLY A 110 -10.97 2.35 0.40
N ILE A 111 -11.74 2.44 -0.68
CA ILE A 111 -13.10 2.98 -0.57
C ILE A 111 -13.90 2.07 0.37
N SER A 112 -14.74 2.69 1.20
CA SER A 112 -15.48 2.00 2.24
C SER A 112 -16.83 2.68 2.45
N ILE A 113 -17.67 2.02 3.25
CA ILE A 113 -19.02 2.48 3.52
C ILE A 113 -19.13 2.92 4.96
N MET A 114 -19.64 4.12 5.16
CA MET A 114 -19.98 4.67 6.46
C MET A 114 -21.48 4.69 6.61
N ILE A 115 -21.95 4.08 7.69
CA ILE A 115 -23.35 4.13 8.06
C ILE A 115 -23.55 4.69 9.48
N LYS A 116 -24.74 5.22 9.70
CA LYS A 116 -25.26 5.49 11.02
CA LYS A 116 -25.20 5.48 11.05
C LYS A 116 -25.46 4.14 11.70
N LYS A 117 -25.01 3.99 12.94
CA LYS A 117 -25.20 2.70 13.63
C LYS A 117 -26.62 2.20 13.54
N GLY A 118 -26.75 0.92 13.23
CA GLY A 118 -28.03 0.26 13.10
C GLY A 118 -28.62 0.24 11.70
N THR A 119 -28.03 0.97 10.75
CA THR A 119 -28.52 0.94 9.38
C THR A 119 -28.40 -0.48 8.83
N PRO A 120 -29.47 -1.00 8.19
CA PRO A 120 -29.44 -2.38 7.72
C PRO A 120 -28.74 -2.52 6.36
N ILE A 121 -27.45 -2.21 6.37
CA ILE A 121 -26.56 -2.33 5.21
C ILE A 121 -25.26 -2.98 5.65
N GLU A 122 -24.80 -3.98 4.89
CA GLU A 122 -23.54 -4.68 5.21
C GLU A 122 -22.50 -4.63 4.09
N SER A 123 -22.90 -4.13 2.93
CA SER A 123 -22.05 -4.22 1.76
C SER A 123 -22.49 -3.27 0.65
N ALA A 124 -21.63 -3.08 -0.34
CA ALA A 124 -21.98 -2.27 -1.51
C ALA A 124 -23.11 -2.95 -2.27
N GLU A 125 -23.07 -4.28 -2.36
CA GLU A 125 -24.15 -5.01 -3.02
C GLU A 125 -25.49 -4.67 -2.35
N ASP A 126 -25.50 -4.64 -1.02
CA ASP A 126 -26.71 -4.28 -0.29
C ASP A 126 -27.22 -2.90 -0.72
N LEU A 127 -26.33 -1.91 -0.78
CA LEU A 127 -26.72 -0.56 -1.18
C LEU A 127 -27.34 -0.56 -2.56
N SER A 128 -26.71 -1.30 -3.48
CA SER A 128 -27.10 -1.28 -4.90
C SER A 128 -28.46 -1.88 -5.15
N LYS A 129 -28.91 -2.73 -4.23
CA LYS A 129 -30.14 -3.50 -4.43
C LYS A 129 -31.36 -2.88 -3.75
N GLN A 130 -31.22 -1.66 -3.25
CA GLN A 130 -32.31 -0.99 -2.58
C GLN A 130 -32.32 0.50 -2.89
N THR A 131 -33.39 1.19 -2.52
CA THR A 131 -33.54 2.61 -2.83
C THR A 131 -33.91 3.49 -1.63
N GLU A 132 -34.26 2.87 -0.51
CA GLU A 132 -34.68 3.62 0.68
C GLU A 132 -33.54 4.44 1.29
N ILE A 133 -32.35 3.87 1.25
CA ILE A 133 -31.16 4.49 1.79
C ILE A 133 -30.37 5.08 0.62
N ALA A 134 -30.24 6.40 0.62
CA ALA A 134 -29.45 7.11 -0.37
C ALA A 134 -27.98 6.98 -0.04
N TYR A 135 -27.13 7.21 -1.02
CA TYR A 135 -25.70 7.16 -0.79
C TYR A 135 -24.96 7.96 -1.84
N GLY A 136 -23.81 8.50 -1.46
CA GLY A 136 -23.01 9.29 -2.37
C GLY A 136 -21.56 9.37 -1.92
N THR A 137 -20.82 10.28 -2.57
CA THR A 137 -19.36 10.42 -2.41
C THR A 137 -18.99 11.91 -2.34
N LEU A 138 -17.73 12.14 -2.01
CA LEU A 138 -17.12 13.46 -2.14
C LEU A 138 -17.01 13.89 -3.60
N ASP A 139 -17.21 15.18 -3.86
CA ASP A 139 -16.89 15.78 -5.16
C ASP A 139 -15.40 15.91 -5.40
N SER A 140 -15.02 15.86 -6.68
CA SER A 140 -13.69 16.30 -7.12
C SER A 140 -12.56 15.47 -6.53
N GLY A 141 -12.83 14.20 -6.30
CA GLY A 141 -11.84 13.28 -5.78
C GLY A 141 -11.83 11.93 -6.43
N SER A 142 -10.99 11.06 -5.90
CA SER A 142 -10.76 9.77 -6.49
C SER A 142 -11.92 8.81 -6.25
N THR A 143 -12.70 8.98 -5.19
CA THR A 143 -13.81 8.05 -4.95
C THR A 143 -14.87 8.23 -6.01
N LYS A 144 -15.23 9.47 -6.32
CA LYS A 144 -16.24 9.73 -7.33
C LYS A 144 -15.78 9.17 -8.68
N GLU A 145 -14.51 9.38 -9.03
CA GLU A 145 -13.98 8.90 -10.30
C GLU A 145 -13.99 7.36 -10.35
N PHE A 146 -13.71 6.72 -9.21
CA PHE A 146 -13.78 5.26 -9.13
C PHE A 146 -15.14 4.75 -9.60
N PHE A 147 -16.21 5.34 -9.08
CA PHE A 147 -17.53 4.90 -9.47
C PHE A 147 -17.84 5.28 -10.92
N ARG A 148 -17.47 6.49 -11.33
CA ARG A 148 -17.71 6.93 -12.71
C ARG A 148 -17.08 5.98 -13.73
N ARG A 149 -15.91 5.46 -13.40
CA ARG A 149 -15.14 4.69 -14.35
C ARG A 149 -15.30 3.19 -14.25
N SER A 150 -15.94 2.70 -13.18
CA SER A 150 -15.95 1.26 -12.92
C SER A 150 -16.78 0.50 -13.95
N LYS A 151 -16.27 -0.63 -14.37
CA LYS A 151 -16.98 -1.55 -15.28
C LYS A 151 -17.51 -2.76 -14.50
N ILE A 152 -17.23 -2.79 -13.19
CA ILE A 152 -17.77 -3.83 -12.31
C ILE A 152 -19.25 -3.57 -12.08
N ALA A 153 -20.10 -4.58 -12.32
CA ALA A 153 -21.54 -4.39 -12.35
C ALA A 153 -22.13 -3.66 -11.14
N VAL A 154 -21.79 -4.08 -9.93
CA VAL A 154 -22.33 -3.45 -8.72
CA VAL A 154 -22.33 -3.46 -8.72
C VAL A 154 -21.94 -1.98 -8.65
N PHE A 155 -20.68 -1.67 -8.96
CA PHE A 155 -20.23 -0.28 -8.80
C PHE A 155 -20.81 0.58 -9.94
N ASP A 156 -20.97 -0.01 -11.10
CA ASP A 156 -21.59 0.68 -12.22
C ASP A 156 -23.05 0.99 -11.91
N LYS A 157 -23.75 0.01 -11.37
CA LYS A 157 -25.11 0.22 -10.90
C LYS A 157 -25.20 1.34 -9.86
N MET A 158 -24.26 1.36 -8.92
CA MET A 158 -24.21 2.40 -7.91
C MET A 158 -23.99 3.77 -8.56
N TRP A 159 -23.07 3.84 -9.52
CA TRP A 159 -22.81 5.11 -10.21
C TRP A 159 -24.03 5.59 -10.99
N THR A 160 -24.73 4.69 -11.70
CA THR A 160 -25.88 5.09 -12.49
C THR A 160 -26.95 5.72 -11.59
N TYR A 161 -27.11 5.17 -10.39
CA TYR A 161 -28.02 5.76 -9.41
C TYR A 161 -27.49 7.11 -8.90
N MET A 162 -26.24 7.15 -8.46
CA MET A 162 -25.73 8.35 -7.77
C MET A 162 -25.73 9.54 -8.71
N ARG A 163 -25.32 9.33 -9.95
CA ARG A 163 -25.15 10.43 -10.89
C ARG A 163 -26.45 11.15 -11.17
N SER A 164 -27.58 10.46 -11.03
CA SER A 164 -28.89 11.04 -11.33
CA SER A 164 -28.88 11.06 -11.33
C SER A 164 -29.77 11.27 -10.11
N ALA A 165 -29.28 10.94 -8.92
CA ALA A 165 -30.12 11.08 -7.74
C ALA A 165 -30.45 12.55 -7.47
N GLU A 166 -31.68 12.78 -7.00
CA GLU A 166 -32.16 14.12 -6.63
C GLU A 166 -32.87 14.03 -5.27
N PRO A 167 -32.51 14.90 -4.30
CA PRO A 167 -31.42 15.87 -4.40
C PRO A 167 -30.06 15.18 -4.46
N SER A 168 -29.04 15.96 -4.81
CA SER A 168 -27.69 15.47 -5.01
C SER A 168 -27.18 14.69 -3.82
N VAL A 169 -26.58 13.54 -4.10
CA VAL A 169 -26.01 12.71 -3.05
C VAL A 169 -24.55 13.02 -2.80
N PHE A 170 -23.99 13.92 -3.60
CA PHE A 170 -22.58 14.26 -3.48
C PHE A 170 -22.39 15.41 -2.50
N VAL A 171 -21.24 15.39 -1.84
CA VAL A 171 -20.87 16.44 -0.87
C VAL A 171 -19.55 17.14 -1.22
N ARG A 172 -19.42 18.40 -0.77
CA ARG A 172 -18.22 19.18 -1.10
C ARG A 172 -17.05 18.88 -0.16
N THR A 173 -17.35 18.43 1.07
CA THR A 173 -16.32 18.12 2.06
C THR A 173 -16.67 16.85 2.80
N THR A 174 -15.66 16.18 3.34
CA THR A 174 -15.90 15.00 4.16
C THR A 174 -16.84 15.31 5.31
N ALA A 175 -16.62 16.45 5.96
CA ALA A 175 -17.46 16.85 7.08
C ALA A 175 -18.92 16.89 6.70
N GLU A 176 -19.25 17.39 5.51
CA GLU A 176 -20.63 17.42 5.06
C GLU A 176 -21.20 16.03 4.89
N GLY A 177 -20.39 15.07 4.44
CA GLY A 177 -20.84 13.70 4.32
C GLY A 177 -21.16 13.09 5.68
N VAL A 178 -20.28 13.34 6.63
CA VAL A 178 -20.46 12.85 7.99
C VAL A 178 -21.74 13.43 8.59
N ALA A 179 -21.96 14.74 8.44
CA ALA A 179 -23.17 15.37 8.95
C ALA A 179 -24.39 14.69 8.31
N ARG A 180 -24.31 14.40 7.02
CA ARG A 180 -25.47 13.85 6.35
C ARG A 180 -25.78 12.46 6.87
N VAL A 181 -24.76 11.64 7.08
CA VAL A 181 -24.97 10.36 7.74
C VAL A 181 -25.63 10.54 9.11
N ARG A 182 -25.05 11.41 9.93
CA ARG A 182 -25.49 11.54 11.30
C ARG A 182 -26.90 12.06 11.42
N LYS A 183 -27.33 12.90 10.48
CA LYS A 183 -28.63 13.56 10.60
C LYS A 183 -29.75 12.91 9.82
N SER A 184 -29.45 11.87 9.04
CA SER A 184 -30.45 11.31 8.11
C SER A 184 -31.16 10.05 8.64
N LYS A 185 -31.04 9.75 9.93
CA LYS A 185 -31.83 8.70 10.57
C LYS A 185 -31.68 7.35 9.87
N GLY A 186 -30.49 7.09 9.37
CA GLY A 186 -30.17 5.84 8.72
C GLY A 186 -30.49 5.81 7.24
N LYS A 187 -30.94 6.92 6.68
CA LYS A 187 -31.35 6.95 5.29
C LYS A 187 -30.31 7.53 4.34
N TYR A 188 -29.09 7.75 4.83
CA TYR A 188 -27.97 8.11 3.97
C TYR A 188 -26.74 7.36 4.44
N ALA A 189 -26.02 6.78 3.49
CA ALA A 189 -24.74 6.13 3.73
C ALA A 189 -23.70 6.84 2.88
N TYR A 190 -22.50 6.95 3.39
CA TYR A 190 -21.46 7.78 2.76
C TYR A 190 -20.31 6.87 2.33
N LEU A 191 -19.89 7.01 1.07
CA LEU A 191 -18.79 6.24 0.50
C LEU A 191 -17.54 7.10 0.59
N LEU A 192 -16.55 6.65 1.36
CA LEU A 192 -15.36 7.45 1.62
C LEU A 192 -14.20 6.51 1.93
N GLU A 193 -13.01 7.06 1.96
CA GLU A 193 -11.84 6.25 2.16
C GLU A 193 -11.79 5.70 3.57
N SER A 194 -11.29 4.47 3.69
CA SER A 194 -11.26 3.75 4.96
C SER A 194 -10.53 4.49 6.08
N THR A 195 -9.46 5.20 5.72
CA THR A 195 -8.73 6.06 6.64
C THR A 195 -9.63 7.09 7.32
N MET A 196 -10.41 7.82 6.53
CA MET A 196 -11.28 8.83 7.10
CA MET A 196 -11.33 8.83 7.05
C MET A 196 -12.45 8.18 7.86
N ASN A 197 -12.96 7.10 7.34
CA ASN A 197 -14.02 6.33 7.99
C ASN A 197 -13.61 5.88 9.38
N GLU A 198 -12.43 5.30 9.48
CA GLU A 198 -11.94 4.78 10.75
C GLU A 198 -11.64 5.90 11.73
N TYR A 199 -11.25 7.06 11.23
CA TYR A 199 -11.02 8.20 12.09
C TYR A 199 -12.34 8.67 12.69
N ILE A 200 -13.34 8.83 11.85
CA ILE A 200 -14.62 9.36 12.31
C ILE A 200 -15.30 8.38 13.29
N GLU A 201 -15.09 7.08 13.08
CA GLU A 201 -15.65 6.08 13.97
CA GLU A 201 -15.59 6.03 13.96
C GLU A 201 -15.14 6.23 15.40
N GLN A 202 -13.98 6.87 15.60
CA GLN A 202 -13.44 7.16 16.92
C GLN A 202 -13.70 8.57 17.42
N ARG A 203 -14.59 9.30 16.75
CA ARG A 203 -14.99 10.64 17.21
C ARG A 203 -16.40 10.66 17.78
N LYS A 204 -16.62 11.51 18.78
CA LYS A 204 -17.96 11.69 19.33
C LYS A 204 -18.87 12.22 18.22
N PRO A 205 -20.15 11.83 18.26
CA PRO A 205 -20.78 11.04 19.33
C PRO A 205 -20.80 9.52 19.10
N CYS A 206 -19.83 9.02 18.35
CA CYS A 206 -19.62 7.58 18.23
C CYS A 206 -20.86 6.89 17.66
N ASP A 207 -21.41 7.51 16.62
CA ASP A 207 -22.68 7.05 16.03
C ASP A 207 -22.56 6.55 14.60
N THR A 208 -21.33 6.42 14.10
CA THR A 208 -21.10 5.93 12.75
C THR A 208 -20.23 4.70 12.82
N MET A 209 -20.30 3.87 11.80
CA MET A 209 -19.36 2.77 11.73
C MET A 209 -19.08 2.41 10.29
N LYS A 210 -17.93 1.81 10.10
CA LYS A 210 -17.52 1.24 8.82
C LYS A 210 -18.10 -0.14 8.68
N VAL A 211 -18.73 -0.44 7.54
CA VAL A 211 -19.26 -1.75 7.29
C VAL A 211 -18.78 -2.33 5.97
N GLY A 212 -18.60 -3.65 5.99
CA GLY A 212 -18.18 -4.39 4.82
C GLY A 212 -16.70 -4.29 4.57
N GLY A 213 -16.24 -4.97 3.54
CA GLY A 213 -14.85 -4.87 3.13
C GLY A 213 -14.64 -3.59 2.37
N ASN A 214 -13.39 -3.29 2.08
CA ASN A 214 -13.08 -2.16 1.23
C ASN A 214 -13.37 -2.54 -0.22
N LEU A 215 -13.72 -1.55 -1.02
CA LEU A 215 -14.11 -1.78 -2.41
C LEU A 215 -12.92 -1.81 -3.35
N ASP A 216 -11.79 -1.24 -2.91
CA ASP A 216 -10.55 -1.27 -3.66
C ASP A 216 -9.37 -1.12 -2.70
N SER A 217 -8.16 -1.03 -3.27
CA SER A 217 -6.96 -0.95 -2.49
C SER A 217 -6.01 0.00 -3.19
N LYS A 218 -5.64 1.06 -2.50
CA LYS A 218 -4.67 2.01 -3.05
C LYS A 218 -3.95 2.73 -1.93
N GLY A 219 -3.31 3.85 -2.24
CA GLY A 219 -2.54 4.58 -1.25
C GLY A 219 -2.50 6.05 -1.50
N TYR A 220 -2.08 6.80 -0.48
CA TYR A 220 -1.75 8.20 -0.59
C TYR A 220 -0.27 8.35 -0.83
N GLY A 221 0.10 9.27 -1.69
CA GLY A 221 1.50 9.59 -1.93
C GLY A 221 1.73 11.08 -1.82
N ILE A 222 2.97 11.43 -1.55
CA ILE A 222 3.44 12.81 -1.62
CA ILE A 222 3.39 12.82 -1.62
C ILE A 222 3.65 13.16 -3.08
N ALA A 223 3.00 14.23 -3.53
CA ALA A 223 3.01 14.56 -4.96
C ALA A 223 3.86 15.79 -5.24
N THR A 224 4.52 15.76 -6.40
CA THR A 224 5.33 16.85 -6.91
C THR A 224 4.99 17.08 -8.37
N PRO A 225 5.31 18.26 -8.90
CA PRO A 225 5.12 18.46 -10.33
C PRO A 225 6.01 17.54 -11.12
N LYS A 226 5.58 17.19 -12.32
CA LYS A 226 6.31 16.22 -13.12
C LYS A 226 7.73 16.69 -13.33
N GLY A 227 8.67 15.79 -13.04
CA GLY A 227 10.07 16.07 -13.24
C GLY A 227 10.73 16.93 -12.17
N SER A 228 10.02 17.26 -11.10
CA SER A 228 10.59 18.05 -10.02
C SER A 228 11.79 17.35 -9.41
N SER A 229 12.79 18.14 -9.09
CA SER A 229 14.00 17.63 -8.51
C SER A 229 13.82 17.17 -7.07
N LEU A 230 12.67 17.44 -6.45
CA LEU A 230 12.43 17.05 -5.06
C LEU A 230 11.99 15.60 -4.94
N GLY A 231 11.48 15.05 -6.04
CA GLY A 231 10.80 13.77 -5.99
C GLY A 231 11.66 12.65 -5.44
N ASN A 232 12.92 12.56 -5.86
CA ASN A 232 13.72 11.42 -5.46
C ASN A 232 13.95 11.41 -3.95
N ALA A 233 14.33 12.58 -3.42
CA ALA A 233 14.61 12.68 -2.01
C ALA A 233 13.37 12.42 -1.17
N VAL A 234 12.23 12.95 -1.61
CA VAL A 234 10.98 12.77 -0.89
C VAL A 234 10.59 11.30 -0.85
N ASN A 235 10.78 10.60 -1.96
CA ASN A 235 10.46 9.18 -2.00
C ASN A 235 11.31 8.38 -1.01
N LEU A 236 12.62 8.63 -1.00
CA LEU A 236 13.50 7.93 -0.08
C LEU A 236 13.10 8.26 1.37
N ALA A 237 12.69 9.50 1.63
CA ALA A 237 12.31 9.89 2.97
C ALA A 237 11.06 9.13 3.40
N VAL A 238 10.10 8.97 2.52
CA VAL A 238 8.89 8.22 2.85
C VAL A 238 9.26 6.79 3.23
N LEU A 239 10.10 6.17 2.42
CA LEU A 239 10.50 4.79 2.67
C LEU A 239 11.32 4.67 3.97
N LYS A 240 12.15 5.65 4.28
CA LYS A 240 12.95 5.59 5.52
C LYS A 240 12.01 5.72 6.73
N LEU A 241 11.09 6.69 6.68
CA LEU A 241 10.14 6.89 7.77
C LEU A 241 9.27 5.63 7.95
N SER A 242 8.88 5.03 6.83
CA SER A 242 8.11 3.78 6.87
C SER A 242 8.90 2.69 7.61
N GLU A 243 10.15 2.47 7.20
CA GLU A 243 10.97 1.39 7.76
C GLU A 243 11.26 1.62 9.24
N GLN A 244 11.42 2.88 9.63
CA GLN A 244 11.70 3.23 11.01
C GLN A 244 10.50 3.06 11.94
N GLY A 245 9.31 2.86 11.38
CA GLY A 245 8.12 2.69 12.18
C GLY A 245 7.40 4.00 12.47
N LEU A 246 7.91 5.11 11.95
CA LEU A 246 7.37 6.41 12.32
CA LEU A 246 7.39 6.44 12.25
C LEU A 246 6.02 6.69 11.67
N LEU A 247 5.75 6.15 10.48
CA LEU A 247 4.42 6.34 9.88
C LEU A 247 3.36 5.63 10.72
N ASP A 248 3.68 4.44 11.21
CA ASP A 248 2.77 3.72 12.09
C ASP A 248 2.54 4.49 13.38
N LYS A 249 3.59 5.07 13.95
CA LYS A 249 3.43 5.84 15.18
C LYS A 249 2.55 7.07 14.95
N LEU A 250 2.70 7.73 13.81
CA LEU A 250 1.90 8.91 13.50
C LEU A 250 0.44 8.55 13.29
N LYS A 251 0.16 7.40 12.68
CA LYS A 251 -1.22 6.99 12.49
C LYS A 251 -1.86 6.74 13.86
N ASN A 252 -1.15 6.05 14.73
CA ASN A 252 -1.70 5.76 16.04
C ASN A 252 -1.95 7.05 16.80
N LYS A 253 -0.99 7.97 16.72
CA LYS A 253 -1.11 9.26 17.39
C LYS A 253 -2.41 10.00 17.04
N TRP A 254 -2.70 10.09 15.76
CA TRP A 254 -3.78 10.93 15.30
C TRP A 254 -5.14 10.23 15.16
N TRP A 255 -5.14 8.90 15.08
CA TRP A 255 -6.39 8.13 14.98
C TRP A 255 -6.88 7.55 16.29
N TYR A 256 -5.95 6.95 17.04
CA TYR A 256 -6.36 6.09 18.15
C TYR A 256 -5.94 6.58 19.51
N ASP A 257 -4.75 7.17 19.64
CA ASP A 257 -4.28 7.55 20.96
C ASP A 257 -5.22 8.53 21.62
N LYS A 258 -5.78 9.47 20.87
CA LYS A 258 -6.77 10.35 21.48
C LYS A 258 -8.16 10.19 20.86
N GLY A 259 -8.46 8.97 20.42
CA GLY A 259 -9.84 8.59 20.12
C GLY A 259 -10.78 8.87 21.28
N GLU A 260 -12.04 9.18 20.95
CA GLU A 260 -13.03 9.66 21.91
C GLU A 260 -14.15 8.66 22.21
N CYS A 261 -13.99 7.43 21.73
CA CYS A 261 -15.04 6.42 21.79
C CYS A 261 -14.59 5.19 22.57
N GLY A 262 -13.66 5.40 23.52
CA GLY A 262 -13.24 4.35 24.41
C GLY A 262 -11.90 3.74 24.01
N SER A 263 -11.49 2.74 24.77
CA SER A 263 -10.22 2.05 24.52
C SER A 263 -10.46 0.74 23.79
N LYS B 4 13.43 -5.12 -28.81
CA LYS B 4 13.61 -6.56 -28.78
C LYS B 4 13.02 -7.18 -27.51
N THR B 5 13.39 -8.43 -27.25
CA THR B 5 12.81 -9.19 -26.17
C THR B 5 13.34 -8.75 -24.81
N VAL B 6 12.41 -8.38 -23.94
CA VAL B 6 12.71 -7.95 -22.58
C VAL B 6 13.02 -9.15 -21.71
N VAL B 7 14.16 -9.15 -21.05
CA VAL B 7 14.52 -10.24 -20.14
C VAL B 7 13.93 -9.97 -18.75
N VAL B 8 13.06 -10.87 -18.31
CA VAL B 8 12.38 -10.76 -17.03
C VAL B 8 13.02 -11.69 -16.03
N THR B 9 13.55 -11.17 -14.94
CA THR B 9 14.00 -12.03 -13.87
C THR B 9 12.86 -12.22 -12.86
N THR B 10 12.72 -13.46 -12.41
CA THR B 10 11.69 -13.78 -11.43
C THR B 10 12.18 -14.96 -10.61
N ILE B 11 11.34 -15.47 -9.71
CA ILE B 11 11.82 -16.44 -8.74
C ILE B 11 10.75 -17.50 -8.52
N LEU B 12 11.17 -18.74 -8.29
CA LEU B 12 10.21 -19.80 -8.03
C LEU B 12 9.75 -19.68 -6.60
N GLU B 13 8.51 -19.21 -6.45
CA GLU B 13 7.90 -18.95 -5.16
C GLU B 13 6.40 -19.09 -5.35
N SER B 14 5.78 -20.06 -4.67
CA SER B 14 4.36 -20.28 -4.87
C SER B 14 3.55 -19.20 -4.15
N PRO B 15 2.42 -18.75 -4.74
CA PRO B 15 1.82 -19.07 -6.03
C PRO B 15 2.23 -18.05 -7.09
N TYR B 16 3.33 -17.34 -6.89
CA TYR B 16 3.76 -16.29 -7.81
C TYR B 16 4.30 -16.84 -9.12
N VAL B 17 5.23 -17.80 -9.02
CA VAL B 17 5.76 -18.49 -10.18
C VAL B 17 6.01 -19.93 -9.77
N MET B 18 5.40 -20.86 -10.52
CA MET B 18 5.49 -22.29 -10.27
C MET B 18 5.71 -23.04 -11.58
N MET B 19 6.36 -24.19 -11.52
CA MET B 19 6.50 -25.04 -12.69
C MET B 19 5.15 -25.70 -12.98
N LYS B 20 4.67 -25.58 -14.22
CA LYS B 20 3.45 -26.27 -14.63
C LYS B 20 3.60 -27.77 -14.56
N LYS B 21 2.49 -28.49 -14.39
CA LYS B 21 2.48 -29.91 -14.60
C LYS B 21 2.95 -30.19 -16.03
N ASN B 22 3.86 -31.15 -16.13
CA ASN B 22 4.46 -31.63 -17.37
CA ASN B 22 4.35 -31.56 -17.42
C ASN B 22 5.28 -30.54 -18.04
N HIS B 23 5.82 -29.63 -17.24
CA HIS B 23 6.73 -28.61 -17.76
C HIS B 23 7.94 -29.13 -18.51
N GLU B 24 8.35 -30.38 -18.29
CA GLU B 24 9.56 -30.89 -18.92
C GLU B 24 9.40 -31.02 -20.43
N MET B 25 8.15 -31.07 -20.92
CA MET B 25 7.95 -31.08 -22.39
C MET B 25 7.54 -29.70 -22.93
N LEU B 26 7.49 -28.70 -22.06
CA LEU B 26 7.14 -27.34 -22.46
C LEU B 26 8.40 -26.51 -22.65
N GLU B 27 8.28 -25.31 -23.20
CA GLU B 27 9.43 -24.48 -23.50
C GLU B 27 9.09 -23.02 -23.28
N GLY B 28 10.13 -22.26 -22.98
CA GLY B 28 9.96 -20.83 -22.80
C GLY B 28 8.99 -20.44 -21.71
N ASN B 29 8.26 -19.36 -21.95
CA ASN B 29 7.37 -18.83 -20.92
C ASN B 29 6.27 -19.81 -20.52
N GLU B 30 5.99 -20.75 -21.42
CA GLU B 30 4.89 -21.70 -21.18
C GLU B 30 5.23 -22.75 -20.12
N ARG B 31 6.49 -22.80 -19.68
CA ARG B 31 6.88 -23.68 -18.59
C ARG B 31 6.25 -23.31 -17.25
N TYR B 32 5.86 -22.04 -17.11
CA TYR B 32 5.55 -21.46 -15.82
C TYR B 32 4.09 -21.03 -15.70
N GLU B 33 3.60 -21.03 -14.46
CA GLU B 33 2.30 -20.47 -14.16
C GLU B 33 2.31 -19.79 -12.79
N GLY B 34 1.35 -18.89 -12.60
CA GLY B 34 1.18 -18.23 -11.33
C GLY B 34 0.83 -16.75 -11.44
N TYR B 35 0.68 -16.14 -10.28
CA TYR B 35 0.30 -14.73 -10.19
C TYR B 35 1.23 -13.82 -11.01
N CYS B 36 2.55 -13.99 -10.85
CA CYS B 36 3.49 -13.12 -11.52
C CYS B 36 3.63 -13.45 -13.01
N VAL B 37 3.34 -14.70 -13.37
CA VAL B 37 3.31 -15.08 -14.77
C VAL B 37 2.15 -14.39 -15.47
N ASP B 38 0.98 -14.40 -14.84
CA ASP B 38 -0.17 -13.67 -15.35
C ASP B 38 0.11 -12.17 -15.36
N LEU B 39 0.71 -11.67 -14.29
CA LEU B 39 0.96 -10.23 -14.21
C LEU B 39 1.91 -9.79 -15.31
N ALA B 40 2.94 -10.57 -15.55
CA ALA B 40 3.90 -10.25 -16.60
C ALA B 40 3.22 -10.15 -17.95
N ALA B 41 2.31 -11.07 -18.25
CA ALA B 41 1.62 -11.05 -19.53
C ALA B 41 0.79 -9.76 -19.65
N GLU B 42 0.13 -9.35 -18.57
CA GLU B 42 -0.68 -8.17 -18.57
C GLU B 42 0.20 -6.94 -18.74
N ILE B 43 1.29 -6.88 -17.99
CA ILE B 43 2.16 -5.72 -18.07
C ILE B 43 2.74 -5.59 -19.48
N ALA B 44 3.22 -6.70 -20.02
CA ALA B 44 3.82 -6.73 -21.36
C ALA B 44 2.83 -6.29 -22.44
N LYS B 45 1.58 -6.70 -22.28
CA LYS B 45 0.54 -6.34 -23.25
C LYS B 45 0.29 -4.84 -23.21
N HIS B 46 0.26 -4.28 -22.00
CA HIS B 46 -0.02 -2.87 -21.84
C HIS B 46 1.13 -2.00 -22.34
N CYS B 47 2.35 -2.46 -22.14
CA CYS B 47 3.54 -1.67 -22.47
C CYS B 47 4.04 -1.95 -23.88
N GLY B 48 3.54 -3.02 -24.47
CA GLY B 48 3.85 -3.40 -25.85
C GLY B 48 5.22 -4.00 -26.07
N PHE B 49 5.65 -4.90 -25.20
CA PHE B 49 6.91 -5.59 -25.42
C PHE B 49 6.73 -7.10 -25.37
N LYS B 50 7.63 -7.78 -26.05
CA LYS B 50 7.83 -9.22 -25.95
C LYS B 50 8.85 -9.45 -24.84
N TYR B 51 8.77 -10.61 -24.20
CA TYR B 51 9.56 -10.87 -23.00
C TYR B 51 9.86 -12.34 -22.84
N LYS B 52 10.91 -12.60 -22.08
CA LYS B 52 11.36 -13.96 -21.74
C LYS B 52 11.52 -14.08 -20.23
N LEU B 53 10.69 -14.93 -19.61
CA LEU B 53 10.84 -15.24 -18.20
C LEU B 53 12.11 -16.07 -17.95
N THR B 54 12.88 -15.63 -16.97
CA THR B 54 14.09 -16.31 -16.56
C THR B 54 14.12 -16.40 -15.06
N ILE B 55 14.37 -17.59 -14.54
CA ILE B 55 14.44 -17.75 -13.10
C ILE B 55 15.84 -17.31 -12.64
N VAL B 56 15.85 -16.43 -11.65
CA VAL B 56 17.09 -15.91 -11.07
C VAL B 56 18.09 -17.02 -10.74
N GLY B 57 19.31 -16.84 -11.25
CA GLY B 57 20.33 -17.87 -11.18
C GLY B 57 20.62 -18.39 -9.79
N ASP B 58 20.74 -17.50 -8.81
CA ASP B 58 21.14 -17.92 -7.48
C ASP B 58 19.94 -18.18 -6.56
N GLY B 59 18.73 -18.08 -7.11
CA GLY B 59 17.53 -18.37 -6.35
C GLY B 59 17.23 -17.41 -5.21
N LYS B 60 17.82 -16.21 -5.23
CA LYS B 60 17.66 -15.25 -4.14
C LYS B 60 16.91 -13.99 -4.53
N TYR B 61 16.33 -13.33 -3.55
CA TYR B 61 15.66 -12.05 -3.81
C TYR B 61 16.64 -10.89 -4.02
N GLY B 62 17.53 -10.66 -3.05
CA GLY B 62 18.53 -9.62 -3.24
C GLY B 62 18.99 -8.99 -1.97
N ALA B 63 20.28 -9.13 -1.70
CA ALA B 63 20.93 -8.47 -0.58
C ALA B 63 22.29 -8.01 -1.04
N ARG B 64 22.81 -7.00 -0.35
CA ARG B 64 24.15 -6.48 -0.62
C ARG B 64 25.11 -7.02 0.43
N ASP B 65 26.15 -7.72 -0.01
CA ASP B 65 27.17 -8.23 0.89
C ASP B 65 27.82 -7.07 1.62
N ALA B 66 27.91 -7.15 2.95
CA ALA B 66 28.43 -6.04 3.75
C ALA B 66 29.87 -5.65 3.38
N ASP B 67 30.67 -6.63 2.99
CA ASP B 67 32.09 -6.41 2.71
C ASP B 67 32.35 -6.05 1.25
N THR B 68 31.94 -6.93 0.35
CA THR B 68 32.19 -6.74 -1.08
CA THR B 68 32.16 -6.76 -1.08
C THR B 68 31.28 -5.67 -1.66
N LYS B 69 30.14 -5.46 -1.02
CA LYS B 69 29.13 -4.49 -1.46
C LYS B 69 28.53 -4.93 -2.81
N ILE B 70 28.65 -6.21 -3.14
CA ILE B 70 28.02 -6.76 -4.34
C ILE B 70 26.60 -7.22 -4.02
N TRP B 71 25.67 -6.90 -4.92
CA TRP B 71 24.29 -7.34 -4.83
C TRP B 71 24.08 -8.70 -5.44
N ASN B 72 23.34 -9.56 -4.76
CA ASN B 72 22.95 -10.85 -5.33
C ASN B 72 21.47 -10.88 -5.70
N GLY B 73 20.96 -12.05 -6.08
CA GLY B 73 19.54 -12.20 -6.32
C GLY B 73 19.04 -11.44 -7.52
N MET B 74 17.73 -11.24 -7.57
CA MET B 74 17.09 -10.49 -8.62
C MET B 74 17.58 -9.04 -8.64
N VAL B 75 17.83 -8.46 -7.46
CA VAL B 75 18.33 -7.09 -7.43
C VAL B 75 19.68 -7.05 -8.15
N GLY B 76 20.57 -8.01 -7.88
CA GLY B 76 21.85 -8.07 -8.56
C GLY B 76 21.69 -8.22 -10.06
N GLU B 77 20.76 -9.06 -10.49
CA GLU B 77 20.55 -9.22 -11.92
C GLU B 77 20.18 -7.89 -12.60
N LEU B 78 19.42 -7.06 -11.91
CA LEU B 78 19.09 -5.75 -12.46
C LEU B 78 20.29 -4.80 -12.42
N VAL B 79 20.98 -4.79 -11.29
CA VAL B 79 22.12 -3.88 -11.09
C VAL B 79 23.23 -4.15 -12.09
N TYR B 80 23.48 -5.42 -12.40
CA TYR B 80 24.63 -5.77 -13.23
C TYR B 80 24.27 -6.04 -14.70
N GLY B 81 23.01 -5.81 -15.05
CA GLY B 81 22.61 -5.81 -16.45
C GLY B 81 22.25 -7.17 -17.02
N LYS B 82 21.98 -8.13 -16.13
CA LYS B 82 21.63 -9.49 -16.55
C LYS B 82 20.14 -9.62 -16.90
N ALA B 83 19.30 -8.70 -16.42
CA ALA B 83 17.88 -8.67 -16.71
C ALA B 83 17.42 -7.25 -16.85
N ASP B 84 16.33 -7.07 -17.58
CA ASP B 84 15.78 -5.75 -17.87
C ASP B 84 14.72 -5.33 -16.86
N ILE B 85 14.08 -6.30 -16.20
CA ILE B 85 12.95 -6.04 -15.33
C ILE B 85 12.78 -7.23 -14.42
N ALA B 86 12.30 -6.99 -13.19
CA ALA B 86 11.97 -8.06 -12.27
C ALA B 86 10.46 -8.02 -12.02
N ILE B 87 9.80 -9.14 -12.29
CA ILE B 87 8.35 -9.26 -12.03
C ILE B 87 8.18 -10.44 -11.09
N ALA B 88 8.05 -10.12 -9.80
CA ALA B 88 8.27 -11.07 -8.73
C ALA B 88 7.75 -10.48 -7.40
N PRO B 89 7.60 -11.30 -6.36
CA PRO B 89 7.24 -10.71 -5.07
C PRO B 89 8.44 -10.05 -4.40
N LEU B 90 8.87 -8.97 -5.04
CA LEU B 90 10.07 -8.25 -4.65
C LEU B 90 9.70 -7.02 -3.87
N THR B 91 10.12 -7.00 -2.61
CA THR B 91 9.71 -5.97 -1.69
C THR B 91 10.42 -4.63 -1.94
N ILE B 92 9.60 -3.56 -1.92
CA ILE B 92 10.08 -2.20 -1.99
C ILE B 92 10.73 -1.83 -0.67
N THR B 93 11.99 -1.44 -0.71
CA THR B 93 12.73 -1.00 0.47
C THR B 93 13.62 0.19 0.14
N TYR B 94 13.91 0.96 1.18
CA TYR B 94 14.82 2.09 1.08
C TYR B 94 16.15 1.71 0.41
N VAL B 95 16.82 0.67 0.92
CA VAL B 95 18.13 0.38 0.39
C VAL B 95 18.09 -0.06 -1.07
N ARG B 96 17.02 -0.75 -1.47
CA ARG B 96 16.89 -1.20 -2.86
C ARG B 96 16.56 -0.01 -3.75
N GLU B 97 15.74 0.92 -3.26
CA GLU B 97 15.36 2.10 -4.03
C GLU B 97 16.57 2.99 -4.32
N GLU B 98 17.63 2.85 -3.53
CA GLU B 98 18.86 3.57 -3.82
C GLU B 98 19.59 3.05 -5.05
N VAL B 99 19.32 1.82 -5.48
CA VAL B 99 20.10 1.23 -6.59
C VAL B 99 19.25 0.76 -7.76
N ILE B 100 17.95 0.53 -7.56
CA ILE B 100 17.04 0.15 -8.63
C ILE B 100 15.76 0.97 -8.50
N ASP B 101 14.94 0.91 -9.53
CA ASP B 101 13.64 1.60 -9.53
C ASP B 101 12.52 0.62 -9.31
N PHE B 102 11.47 1.07 -8.62
CA PHE B 102 10.25 0.28 -8.40
C PHE B 102 9.01 1.00 -8.91
N SER B 103 8.10 0.25 -9.51
CA SER B 103 6.76 0.74 -9.77
C SER B 103 6.03 1.00 -8.46
N LYS B 104 4.90 1.70 -8.54
CA LYS B 104 3.98 1.66 -7.44
C LYS B 104 3.66 0.21 -7.11
N PRO B 105 3.32 -0.05 -5.85
CA PRO B 105 3.15 -1.46 -5.45
C PRO B 105 1.94 -2.10 -6.12
N PHE B 106 2.08 -3.37 -6.49
CA PHE B 106 0.99 -4.14 -7.06
C PHE B 106 0.35 -5.09 -6.03
N MET B 107 0.99 -5.22 -4.87
CA MET B 107 0.47 -6.09 -3.80
C MET B 107 1.02 -5.59 -2.47
N SER B 108 0.15 -5.56 -1.46
CA SER B 108 0.55 -5.17 -0.12
C SER B 108 0.93 -6.38 0.72
N LEU B 109 1.87 -6.17 1.63
CA LEU B 109 2.24 -7.20 2.58
C LEU B 109 2.88 -6.62 3.83
N GLY B 110 2.98 -7.43 4.87
CA GLY B 110 3.81 -7.13 6.00
C GLY B 110 4.46 -8.42 6.50
N ILE B 111 5.55 -8.26 7.24
CA ILE B 111 6.17 -9.37 7.94
C ILE B 111 5.16 -9.94 8.94
N SER B 112 5.14 -11.26 9.04
CA SER B 112 4.16 -11.94 9.88
C SER B 112 4.79 -13.18 10.50
N ILE B 113 4.04 -13.77 11.43
CA ILE B 113 4.49 -14.95 12.15
C ILE B 113 3.67 -16.16 11.69
N MET B 114 4.37 -17.21 11.29
CA MET B 114 3.76 -18.54 11.08
C MET B 114 4.15 -19.50 12.20
N ILE B 115 3.12 -20.13 12.80
CA ILE B 115 3.30 -21.18 13.79
C ILE B 115 2.62 -22.46 13.35
N LYS B 116 3.10 -23.57 13.89
CA LYS B 116 2.34 -24.80 13.83
C LYS B 116 1.11 -24.61 14.72
N LYS B 117 -0.06 -25.04 14.26
CA LYS B 117 -1.29 -24.83 15.04
C LYS B 117 -1.14 -25.30 16.48
N GLY B 118 -1.52 -24.45 17.44
CA GLY B 118 -1.48 -24.81 18.85
C GLY B 118 -0.24 -24.33 19.57
N THR B 119 0.73 -23.81 18.82
CA THR B 119 1.90 -23.19 19.43
C THR B 119 1.45 -22.04 20.33
N PRO B 120 1.96 -21.98 21.57
CA PRO B 120 1.56 -20.89 22.46
C PRO B 120 2.34 -19.61 22.19
N ILE B 121 2.06 -19.03 21.04
CA ILE B 121 2.63 -17.75 20.64
C ILE B 121 1.54 -16.92 19.99
N GLU B 122 1.40 -15.67 20.43
CA GLU B 122 0.38 -14.76 19.86
C GLU B 122 0.99 -13.51 19.22
N SER B 123 2.28 -13.27 19.44
CA SER B 123 2.88 -12.03 18.98
C SER B 123 4.40 -12.12 18.87
N ALA B 124 5.00 -11.10 18.26
CA ALA B 124 6.46 -10.98 18.22
C ALA B 124 7.01 -10.74 19.60
N GLU B 125 6.30 -9.96 20.40
CA GLU B 125 6.69 -9.77 21.78
C GLU B 125 6.78 -11.14 22.48
N ASP B 126 5.76 -11.99 22.30
CA ASP B 126 5.81 -13.35 22.87
C ASP B 126 7.07 -14.10 22.45
N LEU B 127 7.40 -14.06 21.16
CA LEU B 127 8.59 -14.75 20.68
C LEU B 127 9.85 -14.25 21.37
N SER B 128 9.93 -12.93 21.53
CA SER B 128 11.14 -12.29 22.05
C SER B 128 11.38 -12.58 23.53
N LYS B 129 10.32 -12.93 24.26
CA LYS B 129 10.42 -13.10 25.71
C LYS B 129 10.61 -14.56 26.13
N GLN B 130 10.95 -15.44 25.19
CA GLN B 130 11.17 -16.85 25.49
C GLN B 130 12.23 -17.44 24.57
N THR B 131 12.58 -18.69 24.83
CA THR B 131 13.70 -19.35 24.16
C THR B 131 13.42 -20.80 23.77
N GLU B 132 12.33 -21.37 24.27
CA GLU B 132 12.01 -22.76 23.93
C GLU B 132 11.64 -22.89 22.45
N ILE B 133 10.93 -21.87 21.94
CA ILE B 133 10.54 -21.86 20.56
C ILE B 133 11.53 -21.00 19.77
N ALA B 134 12.24 -21.65 18.86
CA ALA B 134 13.18 -20.96 18.00
C ALA B 134 12.45 -20.28 16.87
N TYR B 135 13.06 -19.26 16.29
CA TYR B 135 12.43 -18.59 15.16
C TYR B 135 13.47 -17.96 14.25
N GLY B 136 13.12 -17.81 12.98
CA GLY B 136 14.03 -17.25 12.00
C GLY B 136 13.33 -16.77 10.75
N THR B 137 14.13 -16.44 9.74
CA THR B 137 13.67 -15.83 8.51
C THR B 137 14.35 -16.45 7.28
N LEU B 138 13.91 -16.02 6.12
CA LEU B 138 14.60 -16.31 4.85
C LEU B 138 15.95 -15.57 4.73
N ASP B 139 16.96 -16.23 4.17
CA ASP B 139 18.23 -15.55 3.86
C ASP B 139 18.12 -14.66 2.63
N SER B 140 18.90 -13.58 2.60
CA SER B 140 19.08 -12.74 1.40
C SER B 140 17.79 -12.07 0.93
N GLY B 141 16.91 -11.76 1.87
CA GLY B 141 15.68 -11.05 1.58
C GLY B 141 15.43 -9.88 2.50
N SER B 142 14.29 -9.25 2.26
CA SER B 142 13.96 -8.05 2.98
C SER B 142 13.54 -8.30 4.43
N THR B 143 13.03 -9.48 4.77
CA THR B 143 12.66 -9.73 6.15
C THR B 143 13.92 -9.77 7.04
N LYS B 144 14.94 -10.47 6.60
CA LYS B 144 16.15 -10.58 7.37
C LYS B 144 16.77 -9.17 7.54
N GLU B 145 16.77 -8.39 6.46
CA GLU B 145 17.38 -7.05 6.47
C GLU B 145 16.58 -6.10 7.38
N PHE B 146 15.25 -6.26 7.41
CA PHE B 146 14.42 -5.55 8.35
C PHE B 146 14.86 -5.75 9.80
N PHE B 147 15.02 -7.00 10.23
CA PHE B 147 15.41 -7.26 11.61
C PHE B 147 16.82 -6.77 11.91
N ARG B 148 17.72 -6.95 10.96
CA ARG B 148 19.10 -6.51 11.10
C ARG B 148 19.20 -5.02 11.38
N ARG B 149 18.39 -4.26 10.65
CA ARG B 149 18.47 -2.81 10.67
C ARG B 149 17.61 -2.18 11.74
N SER B 150 16.68 -2.93 12.32
CA SER B 150 15.64 -2.31 13.13
C SER B 150 16.14 -1.86 14.49
N LYS B 151 15.74 -0.64 14.85
CA LYS B 151 16.04 -0.07 16.15
C LYS B 151 14.84 -0.20 17.08
N ILE B 152 13.75 -0.76 16.56
CA ILE B 152 12.57 -1.04 17.37
C ILE B 152 12.93 -2.15 18.35
N ALA B 153 12.66 -1.92 19.64
CA ALA B 153 13.23 -2.72 20.72
C ALA B 153 12.93 -4.22 20.60
N VAL B 154 11.67 -4.58 20.33
CA VAL B 154 11.33 -6.00 20.27
C VAL B 154 12.07 -6.64 19.10
N PHE B 155 12.10 -5.95 17.97
CA PHE B 155 12.69 -6.51 16.76
C PHE B 155 14.22 -6.60 16.90
N ASP B 156 14.82 -5.62 17.57
CA ASP B 156 16.25 -5.65 17.81
C ASP B 156 16.64 -6.80 18.75
N LYS B 157 15.85 -7.02 19.77
CA LYS B 157 16.02 -8.17 20.67
C LYS B 157 15.87 -9.48 19.90
N MET B 158 14.91 -9.52 18.98
CA MET B 158 14.72 -10.71 18.15
C MET B 158 15.93 -10.94 17.23
N TRP B 159 16.43 -9.87 16.61
CA TRP B 159 17.61 -9.97 15.77
C TRP B 159 18.83 -10.50 16.55
N THR B 160 19.07 -9.95 17.73
CA THR B 160 20.21 -10.34 18.56
C THR B 160 20.21 -11.84 18.83
N TYR B 161 19.02 -12.41 19.07
CA TYR B 161 18.88 -13.85 19.23
C TYR B 161 19.10 -14.59 17.91
N MET B 162 18.42 -14.16 16.85
CA MET B 162 18.45 -14.89 15.59
C MET B 162 19.86 -14.96 14.98
N ARG B 163 20.59 -13.85 15.02
CA ARG B 163 21.87 -13.78 14.31
C ARG B 163 22.90 -14.75 14.89
N SER B 164 22.75 -15.11 16.16
CA SER B 164 23.72 -15.97 16.83
C SER B 164 23.19 -17.36 17.14
N ALA B 165 21.93 -17.62 16.84
CA ALA B 165 21.32 -18.92 17.17
C ALA B 165 22.02 -20.07 16.44
N GLU B 166 22.19 -21.19 17.15
CA GLU B 166 22.78 -22.41 16.58
C GLU B 166 21.92 -23.63 16.93
N PRO B 167 21.60 -24.49 15.94
CA PRO B 167 21.91 -24.36 14.51
C PRO B 167 21.23 -23.12 13.92
N SER B 168 21.62 -22.75 12.71
CA SER B 168 21.06 -21.57 12.05
C SER B 168 19.55 -21.62 12.03
N VAL B 169 18.93 -20.48 12.31
CA VAL B 169 17.47 -20.37 12.22
C VAL B 169 17.07 -19.81 10.88
N PHE B 170 18.03 -19.48 10.02
CA PHE B 170 17.70 -18.97 8.69
C PHE B 170 17.60 -20.10 7.68
N VAL B 171 16.75 -19.89 6.68
CA VAL B 171 16.48 -20.89 5.66
C VAL B 171 16.74 -20.33 4.27
N ARG B 172 16.98 -21.23 3.33
CA ARG B 172 17.39 -20.84 1.98
C ARG B 172 16.19 -20.48 1.10
N THR B 173 15.04 -21.08 1.42
CA THR B 173 13.83 -20.88 0.64
C THR B 173 12.61 -20.86 1.55
N THR B 174 11.55 -20.22 1.09
CA THR B 174 10.32 -20.16 1.86
C THR B 174 9.83 -21.57 2.19
N ALA B 175 9.85 -22.46 1.20
CA ALA B 175 9.40 -23.83 1.42
C ALA B 175 10.14 -24.52 2.57
N GLU B 176 11.42 -24.25 2.73
CA GLU B 176 12.19 -24.84 3.81
C GLU B 176 11.79 -24.29 5.18
N GLY B 177 11.40 -23.03 5.22
CA GLY B 177 10.92 -22.45 6.45
C GLY B 177 9.62 -23.12 6.88
N VAL B 178 8.70 -23.27 5.94
CA VAL B 178 7.42 -23.91 6.21
C VAL B 178 7.62 -25.36 6.65
N ALA B 179 8.52 -26.07 5.98
CA ALA B 179 8.76 -27.46 6.32
C ALA B 179 9.28 -27.54 7.74
N ARG B 180 10.14 -26.60 8.12
CA ARG B 180 10.69 -26.57 9.47
C ARG B 180 9.60 -26.29 10.51
N VAL B 181 8.70 -25.36 10.24
CA VAL B 181 7.56 -25.19 11.13
C VAL B 181 6.79 -26.51 11.29
N ARG B 182 6.43 -27.11 10.17
CA ARG B 182 5.59 -28.31 10.20
C ARG B 182 6.25 -29.52 10.85
N LYS B 183 7.58 -29.59 10.86
CA LYS B 183 8.31 -30.78 11.34
C LYS B 183 8.84 -30.62 12.77
N SER B 184 8.75 -29.42 13.32
CA SER B 184 9.44 -29.10 14.56
C SER B 184 8.51 -29.15 15.77
N LYS B 185 7.33 -29.74 15.58
CA LYS B 185 6.38 -29.97 16.68
C LYS B 185 6.13 -28.73 17.53
N GLY B 186 6.11 -27.57 16.91
CA GLY B 186 5.77 -26.34 17.60
C GLY B 186 6.97 -25.58 18.14
N LYS B 187 8.17 -26.12 17.95
CA LYS B 187 9.38 -25.51 18.50
C LYS B 187 10.10 -24.59 17.53
N TYR B 188 9.51 -24.36 16.35
CA TYR B 188 10.04 -23.38 15.40
C TYR B 188 8.89 -22.58 14.83
N ALA B 189 9.07 -21.26 14.79
CA ALA B 189 8.14 -20.35 14.18
C ALA B 189 8.89 -19.60 13.09
N TYR B 190 8.21 -19.32 12.00
CA TYR B 190 8.86 -18.73 10.84
C TYR B 190 8.33 -17.33 10.60
N LEU B 191 9.26 -16.41 10.37
CA LEU B 191 8.92 -15.03 10.09
C LEU B 191 8.96 -14.85 8.58
N LEU B 192 7.80 -14.56 7.99
CA LEU B 192 7.66 -14.46 6.54
C LEU B 192 6.56 -13.49 6.18
N GLU B 193 6.50 -13.10 4.92
CA GLU B 193 5.56 -12.09 4.50
C GLU B 193 4.12 -12.65 4.52
N SER B 194 3.19 -11.77 4.87
CA SER B 194 1.78 -12.12 5.12
C SER B 194 1.13 -12.79 3.91
N THR B 195 1.52 -12.37 2.72
CA THR B 195 1.10 -12.96 1.46
C THR B 195 1.39 -14.46 1.35
N MET B 196 2.64 -14.80 1.63
CA MET B 196 3.05 -16.19 1.57
CA MET B 196 3.10 -16.20 1.63
C MET B 196 2.43 -16.98 2.75
N ASN B 197 2.40 -16.37 3.93
CA ASN B 197 1.79 -17.00 5.11
C ASN B 197 0.34 -17.36 4.81
N GLU B 198 -0.42 -16.40 4.30
CA GLU B 198 -1.84 -16.62 4.02
C GLU B 198 -2.08 -17.67 2.95
N TYR B 199 -1.17 -17.76 1.97
CA TYR B 199 -1.30 -18.79 0.96
C TYR B 199 -1.12 -20.19 1.58
N ILE B 200 -0.08 -20.34 2.39
CA ILE B 200 0.25 -21.63 2.98
C ILE B 200 -0.82 -22.06 3.97
N GLU B 201 -1.40 -21.09 4.67
CA GLU B 201 -2.43 -21.40 5.67
C GLU B 201 -3.65 -22.13 5.06
N GLN B 202 -3.90 -21.88 3.78
CA GLN B 202 -5.01 -22.51 3.07
C GLN B 202 -4.59 -23.74 2.25
N ARG B 203 -3.37 -24.22 2.43
CA ARG B 203 -2.91 -25.43 1.74
C ARG B 203 -2.81 -26.61 2.71
N LYS B 204 -3.15 -27.80 2.24
CA LYS B 204 -2.90 -29.02 2.98
C LYS B 204 -1.44 -29.09 3.39
N PRO B 205 -1.15 -29.66 4.58
CA PRO B 205 -2.04 -30.33 5.52
C PRO B 205 -2.78 -29.41 6.53
N CYS B 206 -2.87 -28.11 6.24
CA CYS B 206 -3.70 -27.21 7.05
C CYS B 206 -3.25 -27.21 8.52
N ASP B 207 -1.94 -27.20 8.74
CA ASP B 207 -1.40 -27.35 10.09
C ASP B 207 -0.63 -26.12 10.54
N THR B 208 -0.69 -25.05 9.76
CA THR B 208 0.00 -23.80 10.09
C THR B 208 -1.01 -22.67 10.22
N MET B 209 -0.64 -21.64 10.98
CA MET B 209 -1.45 -20.44 10.95
C MET B 209 -0.62 -19.18 11.19
N LYS B 210 -1.18 -18.10 10.69
CA LYS B 210 -0.68 -16.75 10.92
C LYS B 210 -1.22 -16.26 12.27
N VAL B 211 -0.32 -15.81 13.15
CA VAL B 211 -0.73 -15.30 14.45
C VAL B 211 -0.26 -13.86 14.60
N GLY B 212 -1.12 -13.08 15.24
CA GLY B 212 -0.80 -11.71 15.56
C GLY B 212 -1.00 -10.78 14.39
N GLY B 213 -0.73 -9.51 14.61
CA GLY B 213 -0.77 -8.56 13.52
C GLY B 213 0.51 -8.64 12.73
N ASN B 214 0.55 -7.97 11.61
CA ASN B 214 1.78 -7.82 10.87
C ASN B 214 2.74 -6.85 11.58
N LEU B 215 4.05 -7.09 11.42
CA LEU B 215 5.09 -6.35 12.11
C LEU B 215 5.42 -5.02 11.39
N ASP B 216 5.13 -4.98 10.09
CA ASP B 216 5.32 -3.78 9.29
C ASP B 216 4.33 -3.77 8.13
N SER B 217 4.43 -2.74 7.30
CA SER B 217 3.53 -2.55 6.18
C SER B 217 4.33 -2.06 4.99
N LYS B 218 4.28 -2.80 3.90
CA LYS B 218 4.98 -2.40 2.69
C LYS B 218 4.35 -3.06 1.47
N GLY B 219 5.08 -3.11 0.34
CA GLY B 219 4.50 -3.64 -0.86
C GLY B 219 5.55 -4.25 -1.77
N TYR B 220 5.07 -5.01 -2.75
CA TYR B 220 5.89 -5.52 -3.85
C TYR B 220 5.74 -4.55 -5.01
N GLY B 221 6.84 -4.26 -5.71
CA GLY B 221 6.80 -3.49 -6.93
C GLY B 221 7.53 -4.18 -8.06
N ILE B 222 7.20 -3.78 -9.28
CA ILE B 222 7.93 -4.25 -10.45
C ILE B 222 9.21 -3.40 -10.54
N ALA B 223 10.36 -4.06 -10.63
CA ALA B 223 11.64 -3.35 -10.53
C ALA B 223 12.35 -3.30 -11.86
N THR B 224 13.02 -2.19 -12.08
CA THR B 224 13.84 -1.94 -13.25
C THR B 224 15.17 -1.34 -12.85
N PRO B 225 16.18 -1.46 -13.72
CA PRO B 225 17.46 -0.79 -13.47
C PRO B 225 17.25 0.71 -13.46
N LYS B 226 18.07 1.43 -12.69
CA LYS B 226 17.90 2.86 -12.55
C LYS B 226 17.94 3.50 -13.92
N GLY B 227 16.98 4.39 -14.16
CA GLY B 227 16.92 5.13 -15.41
C GLY B 227 16.52 4.29 -16.62
N SER B 228 15.87 3.16 -16.40
CA SER B 228 15.39 2.36 -17.52
C SER B 228 14.27 3.08 -18.24
N SER B 229 14.23 2.95 -19.56
CA SER B 229 13.16 3.53 -20.36
C SER B 229 11.81 2.89 -20.08
N LEU B 230 11.80 1.71 -19.45
CA LEU B 230 10.57 0.96 -19.26
C LEU B 230 9.79 1.42 -18.05
N GLY B 231 10.46 2.14 -17.16
CA GLY B 231 9.91 2.39 -15.84
C GLY B 231 8.57 3.09 -15.85
N ASN B 232 8.46 4.15 -16.64
CA ASN B 232 7.24 4.94 -16.66
C ASN B 232 6.04 4.13 -17.14
N ALA B 233 6.21 3.40 -18.24
CA ALA B 233 5.10 2.64 -18.81
C ALA B 233 4.66 1.53 -17.88
N VAL B 234 5.62 0.88 -17.23
CA VAL B 234 5.32 -0.20 -16.31
C VAL B 234 4.52 0.33 -15.10
N ASN B 235 4.91 1.49 -14.59
CA ASN B 235 4.22 2.08 -13.46
C ASN B 235 2.76 2.40 -13.81
N LEU B 236 2.54 3.03 -14.96
CA LEU B 236 1.18 3.30 -15.40
C LEU B 236 0.40 2.01 -15.62
N ALA B 237 1.04 0.97 -16.12
CA ALA B 237 0.35 -0.29 -16.32
C ALA B 237 -0.09 -0.88 -15.00
N VAL B 238 0.76 -0.84 -13.98
CA VAL B 238 0.37 -1.34 -12.66
C VAL B 238 -0.88 -0.59 -12.16
N LEU B 239 -0.90 0.72 -12.28
CA LEU B 239 -2.00 1.50 -11.78
C LEU B 239 -3.28 1.25 -12.57
N LYS B 240 -3.16 1.08 -13.88
CA LYS B 240 -4.31 0.75 -14.73
C LYS B 240 -4.92 -0.60 -14.32
N LEU B 241 -4.07 -1.62 -14.17
CA LEU B 241 -4.53 -2.94 -13.74
C LEU B 241 -5.16 -2.85 -12.36
N SER B 242 -4.58 -2.04 -11.48
CA SER B 242 -5.15 -1.85 -10.16
C SER B 242 -6.56 -1.31 -10.26
N GLU B 243 -6.71 -0.21 -11.01
CA GLU B 243 -7.97 0.48 -11.13
C GLU B 243 -9.02 -0.31 -11.89
N GLN B 244 -8.62 -1.21 -12.77
CA GLN B 244 -9.57 -2.07 -13.47
C GLN B 244 -10.02 -3.26 -12.61
N GLY B 245 -9.41 -3.42 -11.46
CA GLY B 245 -9.73 -4.52 -10.57
C GLY B 245 -9.03 -5.81 -10.93
N LEU B 246 -8.08 -5.76 -11.86
CA LEU B 246 -7.45 -7.00 -12.31
CA LEU B 246 -7.44 -7.02 -12.30
C LEU B 246 -6.45 -7.53 -11.28
N LEU B 247 -5.80 -6.65 -10.51
CA LEU B 247 -4.90 -7.14 -9.47
C LEU B 247 -5.69 -7.92 -8.45
N ASP B 248 -6.88 -7.44 -8.09
CA ASP B 248 -7.72 -8.16 -7.13
C ASP B 248 -8.16 -9.51 -7.69
N LYS B 249 -8.52 -9.52 -8.97
CA LYS B 249 -8.93 -10.76 -9.62
C LYS B 249 -7.79 -11.78 -9.61
N LEU B 250 -6.58 -11.32 -9.88
CA LEU B 250 -5.44 -12.23 -9.91
C LEU B 250 -5.16 -12.79 -8.51
N LYS B 251 -5.30 -11.95 -7.49
CA LYS B 251 -5.10 -12.40 -6.12
C LYS B 251 -6.10 -13.50 -5.81
N ASN B 252 -7.36 -13.27 -6.18
CA ASN B 252 -8.40 -14.23 -5.85
C ASN B 252 -8.18 -15.54 -6.56
N LYS B 253 -7.64 -15.47 -7.77
CA LYS B 253 -7.36 -16.65 -8.56
C LYS B 253 -6.29 -17.54 -7.93
N TRP B 254 -5.21 -16.93 -7.46
CA TRP B 254 -4.04 -17.69 -7.06
C TRP B 254 -4.00 -17.94 -5.53
N TRP B 255 -4.83 -17.24 -4.75
CA TRP B 255 -4.95 -17.50 -3.30
C TRP B 255 -6.22 -18.26 -2.93
N TYR B 256 -7.35 -17.59 -3.02
CA TYR B 256 -8.59 -18.15 -2.49
C TYR B 256 -8.97 -19.38 -3.30
N ASP B 257 -8.79 -19.29 -4.60
CA ASP B 257 -9.21 -20.37 -5.48
C ASP B 257 -8.27 -21.55 -5.30
N LYS B 258 -7.02 -21.28 -4.90
CA LYS B 258 -6.05 -22.33 -4.59
C LYS B 258 -6.25 -22.90 -3.18
N GLY B 259 -7.26 -22.41 -2.47
CA GLY B 259 -7.52 -22.85 -1.10
C GLY B 259 -7.98 -24.30 -1.02
N GLU B 260 -7.33 -25.06 -0.13
CA GLU B 260 -7.59 -26.49 0.04
C GLU B 260 -8.10 -26.85 1.42
N CYS B 261 -8.23 -25.87 2.31
CA CYS B 261 -8.54 -26.15 3.72
C CYS B 261 -9.97 -25.77 4.10
N GLY B 262 -10.83 -25.58 3.10
CA GLY B 262 -12.24 -25.34 3.36
C GLY B 262 -12.54 -23.91 3.77
CAH 3C2 C . -2.10 0.09 -5.82
NAJ 3C2 C . -0.90 0.91 -5.99
SAN 3C2 C . -0.86 2.15 -4.93
OAB 3C2 C . -2.01 3.04 -5.18
OAC 3C2 C . 0.50 2.73 -5.04
CAL 3C2 C . -1.08 1.32 -3.41
NAI 3C2 C . -0.67 1.99 -2.32
CAE 3C2 C . -0.82 1.38 -1.06
CAD 3C2 C . -1.39 0.13 -0.96
CAF 3C2 C . -1.83 -0.55 -2.10
CAK 3C2 C . -1.68 0.04 -3.37
NAM 3C2 C . -2.12 -0.59 -4.50
CAG 3C2 C . -2.73 -1.93 -4.49
CAA 3C2 C . -1.66 -3.00 -4.22
S SO4 D . -16.28 15.64 -10.26
O1 SO4 D . -15.50 16.60 -11.08
O2 SO4 D . -15.45 14.44 -10.19
O3 SO4 D . -17.55 15.28 -10.94
O4 SO4 D . -16.65 16.21 -8.99
S SO4 E . 6.34 8.71 -10.58
O1 SO4 E . 6.16 8.87 -12.02
O2 SO4 E . 7.44 9.55 -10.10
O3 SO4 E . 5.13 9.11 -9.89
O4 SO4 E . 6.67 7.30 -10.30
N GLU F . -8.09 11.09 -1.20
CA GLU F . -9.10 11.45 -2.21
C GLU F . -8.41 12.13 -3.38
O GLU F . -7.16 12.28 -3.38
CB GLU F . -10.18 12.36 -1.62
CG GLU F . -11.24 11.61 -0.80
CD GLU F . -12.23 10.79 -1.62
OE1 GLU F . -12.33 10.99 -2.88
OE2 GLU F . -12.95 9.96 -0.99
OXT GLU F . -9.09 12.52 -4.34
C ACT G . 1.81 -1.88 10.45
O ACT G . 2.97 -1.67 10.07
OXT ACT G . 0.92 -1.18 9.91
CH3 ACT G . 1.51 -2.89 11.51
C1 GOL H . -21.65 10.36 -16.06
O1 GOL H . -20.61 9.57 -16.57
C2 GOL H . -21.34 11.85 -16.01
O2 GOL H . -22.15 12.48 -15.04
C3 GOL H . -19.88 12.10 -15.65
O3 GOL H . -19.80 13.15 -14.72
C1 GOL I . 11.41 31.91 -0.37
O1 GOL I . 10.70 32.69 -1.30
C2 GOL I . 12.54 32.67 0.28
O2 GOL I . 12.09 33.34 1.44
C3 GOL I . 13.67 31.71 0.63
O3 GOL I . 14.56 32.26 1.58
C1 GOL J . -23.06 13.69 -11.82
O1 GOL J . -24.38 13.88 -11.35
C2 GOL J . -22.06 14.46 -10.96
O2 GOL J . -21.03 14.98 -11.78
C3 GOL J . -22.73 15.57 -10.15
O3 GOL J . -21.78 16.23 -9.33
C1 PEG K . -1.99 32.95 4.87
O1 PEG K . -2.56 32.08 3.99
C2 PEG K . -0.55 33.13 4.53
O2 PEG K . 0.12 33.82 5.58
C3 PEG K . 0.34 33.01 6.76
C4 PEG K . 0.59 33.90 7.95
O4 PEG K . -0.11 33.42 9.07
C1 PEG L . -26.33 7.13 18.58
O1 PEG L . -25.30 6.31 18.26
C2 PEG L . -26.79 7.87 17.36
O2 PEG L . -27.20 9.19 17.68
C3 PEG L . -26.13 10.17 17.65
C4 PEG L . -26.05 10.87 18.98
O4 PEG L . -26.06 12.25 18.76
CAH 3C2 M . 5.22 1.81 2.49
NAJ 3C2 M . 5.49 2.19 1.11
SAN 3C2 M . 5.39 0.94 0.08
OAB 3C2 M . 6.45 -0.08 0.46
OAC 3C2 M . 5.42 1.44 -1.32
CAL 3C2 M . 3.83 0.27 0.48
NAI 3C2 M . 3.24 -0.49 -0.45
CAE 3C2 M . 1.98 -1.04 -0.21
CAD 3C2 M . 1.33 -0.80 0.98
CAF 3C2 M . 1.94 0.01 1.92
CAK 3C2 M . 3.20 0.59 1.71
NAM 3C2 M . 3.82 1.36 2.66
CAG 3C2 M . 3.27 1.66 4.00
CAA 3C2 M . 2.19 2.74 3.88
S SO4 N . 21.84 -11.82 4.33
O1 SO4 N . 22.73 -11.32 3.26
O2 SO4 N . 20.83 -10.80 4.62
O3 SO4 N . 21.24 -13.07 3.89
O4 SO4 N . 22.61 -12.06 5.55
S SO4 O . 14.37 -26.18 -17.48
O1 SO4 O . 14.66 -25.85 -18.88
O2 SO4 O . 15.41 -25.69 -16.59
O3 SO4 O . 13.07 -25.63 -17.08
O4 SO4 O . 14.32 -27.63 -17.37
S SO4 P . 11.53 5.21 -8.34
O1 SO4 P . 11.26 5.20 -9.78
O2 SO4 P . 12.81 5.86 -8.08
O3 SO4 P . 10.47 5.95 -7.65
O4 SO4 P . 11.53 3.84 -7.86
N GLU Q . 9.84 -10.40 -0.69
CA GLU Q . 11.16 -10.56 0.01
C GLU Q . 12.21 -9.79 -0.73
O GLU Q . 11.92 -9.10 -1.74
CB GLU Q . 11.54 -12.04 0.14
CG GLU Q . 10.77 -12.76 1.24
CD GLU Q . 11.20 -12.40 2.65
OE1 GLU Q . 12.30 -11.80 2.80
OE2 GLU Q . 10.45 -12.74 3.61
OXT GLU Q . 13.38 -9.85 -0.35
C ACT R . -9.97 -5.02 -2.26
O ACT R . -9.11 -4.50 -3.01
OXT ACT R . -11.17 -4.97 -2.64
CH3 ACT R . -9.59 -5.67 -0.95
C ACT S . 24.89 -8.13 11.50
O ACT S . 25.09 -9.29 11.09
OXT ACT S . 24.52 -8.02 12.70
CH3 ACT S . 25.09 -6.93 10.64
C ACT T . -1.52 1.17 -20.03
O ACT T . -0.65 0.38 -19.65
OXT ACT T . -2.37 0.74 -20.85
CH3 ACT T . -1.52 2.57 -19.53
#